data_2Q5I
#
_entry.id   2Q5I
#
_cell.length_a   92.530
_cell.length_b   92.530
_cell.length_c   246.860
_cell.angle_alpha   90.00
_cell.angle_beta   90.00
_cell.angle_gamma   90.00
#
_symmetry.space_group_name_H-M   'P 43 21 2'
#
loop_
_entity.id
_entity.type
_entity.pdbx_description
1 polymer 'Glycyl-tRNA synthetase'
2 non-polymer 'SULFATE ION'
3 water water
#
_entity_poly.entity_id   1
_entity_poly.type   'polypeptide(L)'
_entity_poly.pdbx_seq_one_letter_code
;MDGAGAEEVLAPLRLAVRQQGDLVRKLKEDKAPQVDVDKAVAELKARKRVLEAKELALQPKDDIVDRAKMEDTLKRRFFY
DQAFAIYGGVSGLYDFGPVGCALKNNIIQTWRQHFIQEEQILEIDCTMLTPEPVLKTSGHVDKFADFMVKDVKNGECFRA
DHLLKAHLQKLMSDKKCSVEKKSEMESVLAQLDNYGQQELADLFVNYNVKSPITGNDLSPPVSFNLMFKTFIGPGGNMPG
YLRPETAQGIFLNFKRLLEFNQGKLPFAAAQIGNSFRNEISPRSGLIRVREFTMAEIEHFVDPSEKDHPKFQNVADLHLY
LYSAKAQVSGQSARKMRLGDAVEQGVINNTVLGYFIGRIYLYLTKVGISPDKLRFRQHMENEMAHYACDCWDAESKTSYG
WIEIVGCADRSCYDLSCHARATKVPLVAEKPLKEPKTVNVVQFEPSKGAIGKAYKKDAKLVMEYLAICDECYITEMEMLL
NEKGEFTIETEGKTFQLTKDMINVKRFQKTLYVEEVVPNVIEPSFGLGRIMYTVFEHTFHVREGDEQRTFFSFPAVVAPF
KCSVLPLSQNQEFMPFVKELLEALTRHGVSHKVDDSSGSIGRRYARTDEIGVAFGVTIDFDTVNKTPHTATLRDRDSMRQ
IRAEISELPSIVQDLANGNITWADVEARYPLFEGQETGKKETIEEHHHHHH
;
_entity_poly.pdbx_strand_id   A
#
loop_
_chem_comp.id
_chem_comp.type
_chem_comp.name
_chem_comp.formula
SO4 non-polymer 'SULFATE ION' 'O4 S -2'
#
# COMPACT_ATOMS: atom_id res chain seq x y z
N ILE A 64 16.24 -8.78 -2.23
CA ILE A 64 17.49 -9.05 -1.44
C ILE A 64 18.07 -7.74 -0.88
N VAL A 65 17.20 -6.75 -0.66
CA VAL A 65 17.60 -5.44 -0.14
C VAL A 65 18.22 -5.57 1.25
N ASP A 66 19.17 -4.69 1.57
CA ASP A 66 19.72 -4.60 2.92
C ASP A 66 18.74 -3.82 3.81
N ARG A 67 17.87 -4.55 4.48
CA ARG A 67 16.81 -3.94 5.27
C ARG A 67 17.38 -3.07 6.39
N ALA A 68 18.40 -3.58 7.07
CA ALA A 68 19.03 -2.85 8.18
C ALA A 68 19.51 -1.48 7.72
N LYS A 69 20.18 -1.45 6.57
CA LYS A 69 20.74 -0.22 6.01
C LYS A 69 19.62 0.74 5.58
N MET A 70 18.62 0.21 4.89
CA MET A 70 17.44 0.98 4.50
C MET A 70 16.75 1.53 5.74
N GLU A 71 16.50 0.67 6.71
CA GLU A 71 15.84 1.08 7.95
C GLU A 71 16.62 2.19 8.64
N ASP A 72 17.95 2.15 8.53
CA ASP A 72 18.78 3.18 9.14
C ASP A 72 18.55 4.52 8.45
N THR A 73 18.53 4.52 7.12
CA THR A 73 18.28 5.75 6.37
C THR A 73 16.87 6.27 6.67
N LEU A 74 15.88 5.38 6.58
CA LEU A 74 14.50 5.75 6.84
C LEU A 74 14.33 6.40 8.21
N LYS A 75 15.01 5.83 9.21
CA LYS A 75 14.96 6.36 10.57
C LYS A 75 15.72 7.68 10.66
N ARG A 76 16.92 7.72 10.09
CA ARG A 76 17.81 8.86 10.20
C ARG A 76 17.27 10.10 9.50
N ARG A 77 16.75 9.94 8.28
CA ARG A 77 16.17 11.07 7.54
C ARG A 77 14.71 11.32 7.90
N PHE A 78 14.17 10.49 8.79
CA PHE A 78 12.85 10.69 9.39
C PHE A 78 11.72 10.60 8.38
N PHE A 79 11.75 9.54 7.57
CA PHE A 79 10.60 9.16 6.77
C PHE A 79 9.51 8.75 7.76
N TYR A 80 9.87 7.80 8.62
CA TYR A 80 9.00 7.39 9.70
C TYR A 80 9.81 6.80 10.84
N ASP A 81 9.22 6.81 12.02
CA ASP A 81 9.88 6.30 13.22
C ASP A 81 8.83 5.90 14.25
N GLN A 82 9.28 5.16 15.26
CA GLN A 82 8.43 4.64 16.33
C GLN A 82 7.68 5.75 17.04
N ALA A 83 6.39 5.55 17.23
CA ALA A 83 5.57 6.52 17.95
C ALA A 83 5.91 6.44 19.43
N PHE A 84 5.84 7.58 20.11
CA PHE A 84 6.04 7.65 21.55
C PHE A 84 7.39 7.08 21.97
N ALA A 85 8.41 7.31 21.14
CA ALA A 85 9.76 6.79 21.38
C ALA A 85 10.26 7.15 22.77
N ILE A 86 10.11 8.42 23.13
CA ILE A 86 10.58 8.93 24.42
C ILE A 86 9.83 8.36 25.62
N TYR A 87 8.63 7.81 25.39
CA TYR A 87 7.89 7.11 26.46
C TYR A 87 8.13 5.60 26.42
N GLY A 88 9.06 5.16 25.58
CA GLY A 88 9.38 3.73 25.43
C GLY A 88 8.86 3.13 24.13
N GLY A 89 8.05 3.90 23.40
CA GLY A 89 7.48 3.44 22.15
C GLY A 89 6.22 2.61 22.34
N VAL A 90 5.49 2.42 21.25
CA VAL A 90 4.36 1.49 21.21
C VAL A 90 4.48 0.76 19.88
N SER A 91 4.51 -0.57 19.94
CA SER A 91 4.67 -1.37 18.74
C SER A 91 3.40 -1.29 17.90
N GLY A 92 3.58 -1.27 16.58
CA GLY A 92 2.46 -1.15 15.66
C GLY A 92 2.06 0.27 15.35
N LEU A 93 2.67 1.24 16.04
CA LEU A 93 2.37 2.65 15.83
C LEU A 93 3.61 3.42 15.38
N TYR A 94 3.45 4.25 14.35
CA TYR A 94 4.56 5.01 13.76
C TYR A 94 4.16 6.44 13.43
N ASP A 95 5.05 7.38 13.76
CA ASP A 95 4.89 8.76 13.34
C ASP A 95 5.64 8.92 12.02
N PHE A 96 5.14 9.79 11.15
CA PHE A 96 5.80 10.09 9.88
C PHE A 96 6.37 11.51 9.89
N GLY A 97 7.64 11.64 9.56
CA GLY A 97 8.31 12.94 9.55
C GLY A 97 8.10 13.64 8.23
N PRO A 98 8.66 14.85 8.08
CA PRO A 98 8.50 15.69 6.90
C PRO A 98 8.60 14.98 5.55
N VAL A 99 9.70 14.28 5.28
CA VAL A 99 9.83 13.62 3.97
C VAL A 99 8.82 12.48 3.88
N GLY A 100 8.60 11.78 4.98
CA GLY A 100 7.60 10.72 5.04
C GLY A 100 6.21 11.19 4.65
N CYS A 101 5.79 12.32 5.23
CA CYS A 101 4.51 12.95 4.90
C CYS A 101 4.45 13.41 3.45
N ALA A 102 5.56 13.95 2.94
CA ALA A 102 5.63 14.38 1.55
C ALA A 102 5.37 13.19 0.62
N LEU A 103 6.03 12.08 0.89
CA LEU A 103 5.91 10.89 0.07
C LEU A 103 4.50 10.32 0.17
N LYS A 104 4.03 10.19 1.40
CA LYS A 104 2.70 9.69 1.72
C LYS A 104 1.64 10.52 1.00
N ASN A 105 1.75 11.84 1.11
CA ASN A 105 0.84 12.75 0.42
C ASN A 105 0.89 12.66 -1.12
N ASN A 106 2.06 12.40 -1.69
CA ASN A 106 2.18 12.23 -3.14
C ASN A 106 1.54 10.93 -3.60
N ILE A 107 1.73 9.88 -2.83
CA ILE A 107 1.10 8.59 -3.08
C ILE A 107 -0.41 8.74 -3.10
N ILE A 108 -0.95 9.49 -2.14
CA ILE A 108 -2.40 9.72 -2.04
C ILE A 108 -2.89 10.57 -3.20
N GLN A 109 -2.16 11.63 -3.53
CA GLN A 109 -2.55 12.48 -4.64
C GLN A 109 -2.53 11.72 -5.95
N THR A 110 -1.51 10.89 -6.15
CA THR A 110 -1.43 10.06 -7.35
C THR A 110 -2.61 9.10 -7.40
N TRP A 111 -2.97 8.54 -6.25
CA TRP A 111 -4.12 7.64 -6.17
C TRP A 111 -5.41 8.35 -6.57
N ARG A 112 -5.59 9.58 -6.09
CA ARG A 112 -6.79 10.36 -6.40
C ARG A 112 -6.99 10.58 -7.88
N GLN A 113 -5.94 10.97 -8.57
CA GLN A 113 -6.01 11.16 -10.02
C GLN A 113 -6.24 9.84 -10.74
N HIS A 114 -5.56 8.80 -10.30
CA HIS A 114 -5.56 7.52 -10.98
C HIS A 114 -6.90 6.79 -10.87
N PHE A 115 -7.59 6.96 -9.74
CA PHE A 115 -8.88 6.31 -9.53
C PHE A 115 -10.07 7.27 -9.43
N ILE A 116 -10.08 8.15 -8.42
CA ILE A 116 -11.22 9.04 -8.19
C ILE A 116 -11.52 9.91 -9.42
N GLN A 117 -10.49 10.58 -9.93
CA GLN A 117 -10.66 11.48 -11.08
C GLN A 117 -10.87 10.71 -12.38
N GLU A 118 -10.11 9.63 -12.56
CA GLU A 118 -10.18 8.85 -13.79
C GLU A 118 -11.52 8.14 -13.98
N GLU A 119 -12.12 7.67 -12.90
CA GLU A 119 -13.41 6.97 -12.97
C GLU A 119 -14.57 7.81 -12.44
N GLN A 120 -14.31 9.08 -12.16
CA GLN A 120 -15.30 9.96 -11.57
C GLN A 120 -16.00 9.31 -10.38
N ILE A 121 -15.20 8.80 -9.45
CA ILE A 121 -15.72 8.10 -8.27
C ILE A 121 -16.37 9.09 -7.31
N LEU A 122 -17.44 8.64 -6.65
CA LEU A 122 -18.10 9.43 -5.63
C LEU A 122 -17.32 9.31 -4.32
N GLU A 123 -16.68 10.39 -3.90
CA GLU A 123 -15.87 10.39 -2.70
C GLU A 123 -16.75 10.70 -1.49
N ILE A 124 -16.51 9.99 -0.39
CA ILE A 124 -17.16 10.34 0.89
C ILE A 124 -16.21 10.18 2.07
N ASP A 125 -16.50 10.87 3.17
CA ASP A 125 -15.68 10.80 4.37
C ASP A 125 -16.52 10.47 5.60
N CYS A 126 -16.51 9.20 6.00
CA CYS A 126 -17.27 8.73 7.16
C CYS A 126 -16.43 8.69 8.44
N THR A 127 -17.11 8.58 9.57
CA THR A 127 -16.45 8.64 10.88
C THR A 127 -15.69 7.36 11.18
N MET A 128 -14.68 7.47 12.04
CA MET A 128 -13.92 6.33 12.53
C MET A 128 -14.64 5.68 13.70
N LEU A 129 -15.19 6.49 14.59
CA LEU A 129 -16.03 5.96 15.67
C LEU A 129 -17.24 5.26 15.05
N THR A 130 -17.57 4.09 15.57
CA THR A 130 -18.67 3.26 15.04
C THR A 130 -19.40 2.57 16.18
N PRO A 131 -20.73 2.75 16.26
CA PRO A 131 -21.48 2.11 17.33
C PRO A 131 -21.60 0.61 17.09
N GLU A 132 -21.67 -0.16 18.17
CA GLU A 132 -21.54 -1.62 18.12
C GLU A 132 -22.45 -2.31 17.11
N PRO A 133 -23.76 -2.00 17.10
CA PRO A 133 -24.69 -2.71 16.21
C PRO A 133 -24.29 -2.72 14.75
N VAL A 134 -23.81 -1.58 14.25
CA VAL A 134 -23.27 -1.49 12.89
C VAL A 134 -22.33 -2.66 12.61
N LEU A 135 -21.39 -2.88 13.52
CA LEU A 135 -20.35 -3.89 13.33
C LEU A 135 -20.78 -5.32 13.74
N LYS A 136 -21.85 -5.44 14.51
CA LYS A 136 -22.46 -6.76 14.72
C LYS A 136 -23.00 -7.26 13.38
N THR A 137 -23.79 -6.43 12.72
CA THR A 137 -24.39 -6.76 11.42
C THR A 137 -23.37 -7.20 10.38
N SER A 138 -22.23 -6.51 10.29
CA SER A 138 -21.16 -6.90 9.36
C SER A 138 -20.42 -8.16 9.82
N GLY A 139 -20.68 -8.60 11.05
CA GLY A 139 -20.10 -9.83 11.57
C GLY A 139 -18.68 -9.69 12.06
N HIS A 140 -18.22 -8.45 12.23
CA HIS A 140 -16.89 -8.19 12.76
C HIS A 140 -16.83 -8.53 14.25
N VAL A 141 -17.90 -8.21 14.96
CA VAL A 141 -17.97 -8.45 16.40
C VAL A 141 -17.69 -9.92 16.71
N ASP A 142 -18.24 -10.82 15.90
CA ASP A 142 -18.13 -12.25 16.12
C ASP A 142 -16.95 -12.92 15.39
N LYS A 143 -16.50 -12.34 14.29
CA LYS A 143 -15.57 -13.03 13.38
C LYS A 143 -14.28 -12.27 13.03
N PHE A 144 -14.08 -11.06 13.53
CA PHE A 144 -12.87 -10.29 13.23
C PHE A 144 -11.82 -10.49 14.32
N ALA A 145 -11.37 -11.72 14.48
CA ALA A 145 -10.48 -12.09 15.57
C ALA A 145 -9.35 -13.02 15.12
N ASP A 146 -8.26 -13.01 15.87
CA ASP A 146 -7.18 -13.99 15.72
C ASP A 146 -7.17 -14.85 16.98
N PHE A 147 -6.98 -16.16 16.81
CA PHE A 147 -6.84 -17.03 17.97
C PHE A 147 -5.57 -16.64 18.74
N MET A 148 -5.72 -16.49 20.05
CA MET A 148 -4.66 -16.05 20.93
C MET A 148 -4.44 -17.07 22.03
N VAL A 149 -3.17 -17.32 22.33
CA VAL A 149 -2.77 -18.21 23.40
C VAL A 149 -1.84 -17.42 24.32
N LYS A 150 -1.96 -17.65 25.62
CA LYS A 150 -1.14 -16.91 26.58
C LYS A 150 -0.48 -17.82 27.61
N ASP A 151 0.66 -17.36 28.12
CA ASP A 151 1.50 -18.11 29.05
C ASP A 151 0.80 -18.26 30.39
N VAL A 152 0.69 -19.50 30.86
CA VAL A 152 -0.04 -19.83 32.10
C VAL A 152 0.52 -19.15 33.34
N LYS A 153 1.84 -18.90 33.35
CA LYS A 153 2.51 -18.26 34.50
C LYS A 153 2.48 -16.73 34.43
N ASN A 154 3.34 -16.15 33.60
CA ASN A 154 3.50 -14.68 33.54
C ASN A 154 2.36 -13.96 32.80
N GLY A 155 1.69 -14.65 31.88
CA GLY A 155 0.50 -14.11 31.22
C GLY A 155 0.73 -13.37 29.90
N GLU A 156 1.90 -13.54 29.29
CA GLU A 156 2.19 -12.90 28.01
C GLU A 156 1.36 -13.53 26.90
N CYS A 157 0.94 -12.72 25.93
CA CYS A 157 0.07 -13.16 24.84
C CYS A 157 0.81 -13.45 23.55
N PHE A 158 0.31 -14.46 22.83
CA PHE A 158 0.89 -14.87 21.56
C PHE A 158 -0.22 -15.15 20.55
N ARG A 159 0.01 -14.74 19.30
CA ARG A 159 -0.90 -15.05 18.23
C ARG A 159 -0.77 -16.55 17.93
N ALA A 160 -1.85 -17.29 18.12
CA ALA A 160 -1.79 -18.75 18.14
C ALA A 160 -1.26 -19.36 16.85
N ASP A 161 -1.80 -18.91 15.72
CA ASP A 161 -1.44 -19.47 14.41
C ASP A 161 0.06 -19.43 14.12
N HIS A 162 0.71 -18.30 14.46
CA HIS A 162 2.14 -18.10 14.23
C HIS A 162 2.99 -18.97 15.16
N LEU A 163 2.53 -19.14 16.40
CA LEU A 163 3.28 -19.89 17.40
C LEU A 163 3.35 -21.37 17.05
N LEU A 164 2.21 -21.91 16.60
CA LEU A 164 2.14 -23.28 16.14
C LEU A 164 3.02 -23.46 14.90
N LYS A 165 2.91 -22.55 13.93
CA LYS A 165 3.70 -22.63 12.70
C LYS A 165 5.20 -22.66 12.98
N ALA A 166 5.65 -21.90 13.98
CA ALA A 166 7.06 -21.88 14.37
C ALA A 166 7.46 -23.21 14.98
N HIS A 167 6.59 -23.75 15.83
CA HIS A 167 6.83 -25.02 16.52
C HIS A 167 6.95 -26.18 15.54
N LEU A 168 6.06 -26.24 14.55
CA LEU A 168 6.10 -27.30 13.55
C LEU A 168 7.32 -27.18 12.65
N GLN A 169 7.62 -25.96 12.21
CA GLN A 169 8.82 -25.71 11.40
C GLN A 169 10.09 -26.11 12.16
N LYS A 170 10.09 -25.91 13.47
CA LYS A 170 11.20 -26.31 14.34
C LYS A 170 11.38 -27.83 14.29
N LEU A 171 10.30 -28.55 14.56
CA LEU A 171 10.31 -30.01 14.54
C LEU A 171 10.69 -30.56 13.16
N MET A 172 10.09 -30.00 12.11
CA MET A 172 10.38 -30.43 10.74
C MET A 172 11.85 -30.27 10.34
N SER A 173 12.59 -29.40 11.03
CA SER A 173 14.02 -29.22 10.80
C SER A 173 14.89 -30.24 11.57
N ASP A 174 14.28 -30.95 12.51
CA ASP A 174 15.00 -31.94 13.32
C ASP A 174 15.41 -33.16 12.49
N LYS A 175 16.63 -33.62 12.70
CA LYS A 175 17.15 -34.79 11.98
C LYS A 175 16.60 -36.09 12.57
N LYS A 176 16.30 -36.07 13.86
CA LYS A 176 15.71 -37.23 14.55
C LYS A 176 14.23 -37.46 14.13
N CYS A 177 13.66 -36.47 13.45
CA CYS A 177 12.27 -36.53 12.99
C CYS A 177 12.13 -37.36 11.72
N SER A 178 11.08 -38.18 11.66
CA SER A 178 10.86 -39.09 10.53
C SER A 178 10.23 -38.38 9.34
N VAL A 179 10.32 -39.02 8.17
CA VAL A 179 9.84 -38.41 6.93
C VAL A 179 8.32 -38.28 6.92
N GLU A 180 7.63 -39.34 7.32
CA GLU A 180 6.17 -39.37 7.34
C GLU A 180 5.60 -38.40 8.38
N LYS A 181 6.38 -38.13 9.42
CA LYS A 181 6.02 -37.14 10.43
C LYS A 181 6.08 -35.75 9.85
N LYS A 182 7.12 -35.45 9.07
CA LYS A 182 7.28 -34.13 8.45
C LYS A 182 6.15 -33.86 7.47
N SER A 183 5.83 -34.82 6.62
CA SER A 183 4.71 -34.68 5.68
C SER A 183 3.36 -34.57 6.41
N GLU A 184 3.27 -35.14 7.62
CA GLU A 184 2.09 -34.96 8.48
C GLU A 184 1.98 -33.51 8.93
N MET A 185 3.10 -32.89 9.27
CA MET A 185 3.12 -31.51 9.73
C MET A 185 3.01 -30.51 8.58
N GLU A 186 3.55 -30.88 7.42
CA GLU A 186 3.39 -30.06 6.21
C GLU A 186 1.92 -29.92 5.85
N SER A 187 1.17 -31.02 5.98
CA SER A 187 -0.28 -30.99 5.73
C SER A 187 -1.03 -30.21 6.80
N VAL A 188 -0.51 -30.22 8.04
CA VAL A 188 -1.09 -29.41 9.11
C VAL A 188 -0.95 -27.93 8.78
N LEU A 189 0.23 -27.53 8.31
CA LEU A 189 0.47 -26.15 7.89
C LEU A 189 -0.48 -25.74 6.75
N ALA A 190 -0.74 -26.68 5.83
CA ALA A 190 -1.64 -26.42 4.70
C ALA A 190 -3.10 -26.17 5.12
N GLN A 191 -3.39 -26.26 6.42
CA GLN A 191 -4.75 -26.05 6.93
C GLN A 191 -4.82 -25.10 8.13
N LEU A 192 -3.71 -24.46 8.49
CA LEU A 192 -3.67 -23.59 9.68
C LEU A 192 -4.91 -22.71 9.82
N ASP A 193 -5.28 -22.04 8.73
CA ASP A 193 -6.35 -21.05 8.75
C ASP A 193 -7.74 -21.68 8.89
N ASN A 194 -7.89 -22.92 8.43
CA ASN A 194 -9.17 -23.63 8.49
C ASN A 194 -9.54 -24.08 9.90
N TYR A 195 -8.55 -24.50 10.68
CA TYR A 195 -8.80 -25.10 11.99
C TYR A 195 -9.61 -24.18 12.88
N GLY A 196 -10.69 -24.71 13.45
CA GLY A 196 -11.47 -24.00 14.47
C GLY A 196 -10.85 -24.05 15.85
N GLN A 197 -11.56 -23.52 16.83
CA GLN A 197 -11.06 -23.39 18.21
C GLN A 197 -10.67 -24.75 18.80
N GLN A 198 -11.60 -25.70 18.76
CA GLN A 198 -11.38 -27.00 19.39
C GLN A 198 -10.20 -27.73 18.76
N GLU A 199 -10.24 -27.89 17.44
CA GLU A 199 -9.19 -28.63 16.73
C GLU A 199 -7.83 -27.92 16.79
N LEU A 200 -7.83 -26.60 16.96
CA LEU A 200 -6.58 -25.88 17.19
C LEU A 200 -6.09 -26.11 18.63
N ALA A 201 -7.03 -26.15 19.57
CA ALA A 201 -6.69 -26.50 20.95
C ALA A 201 -6.05 -27.89 21.04
N ASP A 202 -6.58 -28.83 20.25
CA ASP A 202 -6.06 -30.21 20.22
C ASP A 202 -4.68 -30.27 19.57
N LEU A 203 -4.51 -29.50 18.49
CA LEU A 203 -3.21 -29.38 17.85
C LEU A 203 -2.14 -28.90 18.83
N PHE A 204 -2.51 -27.99 19.72
CA PHE A 204 -1.57 -27.45 20.71
C PHE A 204 -1.17 -28.50 21.74
N VAL A 205 -2.12 -29.35 22.14
CA VAL A 205 -1.83 -30.44 23.07
C VAL A 205 -0.98 -31.51 22.36
N ASN A 206 -1.50 -32.04 21.25
CA ASN A 206 -0.83 -33.10 20.48
C ASN A 206 0.64 -32.83 20.17
N TYR A 207 0.96 -31.59 19.80
CA TYR A 207 2.32 -31.20 19.44
C TYR A 207 3.08 -30.63 20.64
N ASN A 208 2.41 -30.51 21.78
CA ASN A 208 3.04 -30.06 23.01
C ASN A 208 3.73 -28.71 22.84
N VAL A 209 2.96 -27.70 22.45
CA VAL A 209 3.48 -26.36 22.17
C VAL A 209 3.61 -25.56 23.48
N LYS A 210 4.77 -24.92 23.65
CA LYS A 210 5.05 -24.11 24.85
C LYS A 210 5.39 -22.67 24.47
N SER A 211 5.55 -21.82 25.47
CA SER A 211 5.97 -20.44 25.26
C SER A 211 7.39 -20.43 24.68
N PRO A 212 7.59 -19.72 23.57
CA PRO A 212 8.92 -19.69 22.95
C PRO A 212 9.94 -18.90 23.78
N ILE A 213 9.45 -18.03 24.67
CA ILE A 213 10.32 -17.22 25.52
C ILE A 213 10.71 -17.99 26.79
N THR A 214 9.71 -18.32 27.61
CA THR A 214 9.94 -18.96 28.90
C THR A 214 10.00 -20.49 28.82
N GLY A 215 9.15 -21.07 27.98
CA GLY A 215 9.03 -22.52 27.89
C GLY A 215 7.90 -23.08 28.75
N ASN A 216 7.05 -22.19 29.28
CA ASN A 216 5.94 -22.60 30.15
C ASN A 216 4.79 -23.17 29.33
N ASP A 217 3.82 -23.76 30.03
CA ASP A 217 2.61 -24.26 29.39
C ASP A 217 1.79 -23.09 28.87
N LEU A 218 1.07 -23.33 27.79
CA LEU A 218 0.23 -22.31 27.17
C LEU A 218 -1.23 -22.59 27.46
N SER A 219 -2.02 -21.53 27.61
CA SER A 219 -3.46 -21.66 27.80
C SER A 219 -4.10 -22.13 26.49
N PRO A 220 -5.35 -22.65 26.55
CA PRO A 220 -6.01 -23.05 25.32
C PRO A 220 -6.32 -21.84 24.42
N PRO A 221 -6.25 -22.02 23.09
CA PRO A 221 -6.54 -20.92 22.17
C PRO A 221 -7.91 -20.31 22.41
N VAL A 222 -7.97 -18.98 22.40
CA VAL A 222 -9.22 -18.25 22.57
C VAL A 222 -9.31 -17.16 21.53
N SER A 223 -10.53 -16.86 21.08
CA SER A 223 -10.76 -15.85 20.06
C SER A 223 -10.58 -14.48 20.66
N PHE A 224 -9.64 -13.71 20.12
CA PHE A 224 -9.40 -12.33 20.55
C PHE A 224 -9.79 -11.40 19.41
N ASN A 225 -10.86 -10.64 19.62
CA ASN A 225 -11.35 -9.70 18.62
C ASN A 225 -10.34 -8.58 18.44
N LEU A 226 -10.14 -8.15 17.20
CA LEU A 226 -9.05 -7.23 16.86
C LEU A 226 -9.48 -5.77 16.82
N MET A 227 -10.75 -5.50 17.09
CA MET A 227 -11.24 -4.12 17.08
C MET A 227 -10.95 -3.43 18.41
N PHE A 228 -10.51 -2.17 18.34
CA PHE A 228 -10.38 -1.33 19.53
C PHE A 228 -11.77 -0.97 20.04
N LYS A 229 -12.03 -1.19 21.32
CA LYS A 229 -13.32 -0.89 21.90
C LYS A 229 -13.29 0.44 22.65
N THR A 230 -14.40 1.18 22.60
CA THR A 230 -14.60 2.41 23.40
C THR A 230 -16.08 2.57 23.73
N PHE A 231 -16.43 3.70 24.34
CA PHE A 231 -17.80 4.03 24.63
C PHE A 231 -18.14 5.42 24.13
N ILE A 232 -19.19 5.51 23.33
CA ILE A 232 -19.63 6.79 22.78
C ILE A 232 -20.61 7.42 23.74
N GLY A 233 -20.37 8.68 24.08
CA GLY A 233 -21.18 9.39 25.06
C GLY A 233 -20.88 8.96 26.48
N PRO A 234 -21.57 9.55 27.47
CA PRO A 234 -21.42 9.20 28.88
C PRO A 234 -22.24 7.98 29.26
N GLY A 235 -22.00 7.47 30.47
CA GLY A 235 -22.61 6.23 30.91
C GLY A 235 -21.90 5.06 30.26
N GLY A 236 -22.65 4.06 29.82
CA GLY A 236 -22.06 2.90 29.15
C GLY A 236 -23.07 2.12 28.34
N ASN A 237 -23.97 2.84 27.69
CA ASN A 237 -25.07 2.24 26.95
C ASN A 237 -24.83 2.20 25.45
N MET A 238 -23.90 3.03 24.95
CA MET A 238 -23.50 2.98 23.55
C MET A 238 -22.04 2.54 23.44
N PRO A 239 -21.81 1.22 23.53
CA PRO A 239 -20.47 0.72 23.24
C PRO A 239 -20.21 0.83 21.75
N GLY A 240 -18.95 1.01 21.38
CA GLY A 240 -18.56 1.12 19.98
C GLY A 240 -17.13 0.71 19.73
N TYR A 241 -16.67 0.92 18.50
CA TYR A 241 -15.34 0.52 18.07
C TYR A 241 -14.78 1.56 17.13
N LEU A 242 -13.45 1.53 16.98
CA LEU A 242 -12.80 2.22 15.89
C LEU A 242 -12.94 1.32 14.67
N ARG A 243 -13.36 1.88 13.55
CA ARG A 243 -13.64 1.08 12.36
C ARG A 243 -12.42 0.26 11.94
N PRO A 244 -12.60 -1.03 11.63
CA PRO A 244 -11.52 -1.85 11.08
C PRO A 244 -11.35 -1.73 9.55
N GLU A 245 -12.30 -1.06 8.88
CA GLU A 245 -12.28 -0.84 7.43
C GLU A 245 -13.20 0.33 7.09
N THR A 246 -13.09 0.88 5.89
CA THR A 246 -13.96 1.97 5.46
C THR A 246 -15.13 1.54 4.58
N ALA A 247 -15.16 0.29 4.11
CA ALA A 247 -16.24 -0.18 3.24
C ALA A 247 -17.64 -0.02 3.85
N GLN A 248 -17.77 -0.28 5.16
CA GLN A 248 -19.08 -0.26 5.83
C GLN A 248 -19.73 1.12 5.78
N GLY A 249 -18.92 2.18 5.85
CA GLY A 249 -19.41 3.55 5.71
C GLY A 249 -20.05 3.78 4.35
N ILE A 250 -19.42 3.24 3.30
CA ILE A 250 -19.97 3.35 1.96
C ILE A 250 -21.28 2.57 1.87
N PHE A 251 -21.35 1.41 2.53
CA PHE A 251 -22.59 0.63 2.50
C PHE A 251 -23.71 1.37 3.23
N LEU A 252 -23.39 1.91 4.40
CA LEU A 252 -24.38 2.67 5.18
C LEU A 252 -24.91 3.87 4.41
N ASN A 253 -24.10 4.40 3.51
CA ASN A 253 -24.49 5.52 2.66
C ASN A 253 -24.95 5.13 1.26
N PHE A 254 -25.31 3.86 1.06
CA PHE A 254 -25.63 3.40 -0.29
C PHE A 254 -26.80 4.14 -0.92
N LYS A 255 -27.87 4.36 -0.15
CA LYS A 255 -29.04 5.08 -0.65
C LYS A 255 -28.67 6.50 -1.10
N ARG A 256 -27.99 7.23 -0.22
CA ARG A 256 -27.61 8.62 -0.53
C ARG A 256 -26.74 8.68 -1.78
N LEU A 257 -25.80 7.76 -1.89
CA LEU A 257 -24.90 7.70 -3.05
C LEU A 257 -25.63 7.32 -4.35
N LEU A 258 -26.58 6.38 -4.25
CA LEU A 258 -27.36 5.97 -5.41
C LEU A 258 -28.23 7.12 -5.90
N GLU A 259 -28.91 7.78 -4.96
CA GLU A 259 -29.68 8.98 -5.25
C GLU A 259 -28.77 10.03 -5.90
N PHE A 260 -27.63 10.31 -5.26
CA PHE A 260 -26.64 11.25 -5.79
C PHE A 260 -26.25 10.93 -7.22
N ASN A 261 -26.25 9.64 -7.58
CA ASN A 261 -25.95 9.21 -8.95
C ASN A 261 -27.20 9.06 -9.83
N GLN A 262 -28.26 9.80 -9.49
CA GLN A 262 -29.53 9.77 -10.24
C GLN A 262 -30.16 8.37 -10.34
N GLY A 263 -29.97 7.57 -9.30
CA GLY A 263 -30.53 6.21 -9.25
C GLY A 263 -29.94 5.23 -10.25
N LYS A 264 -28.90 5.67 -10.98
CA LYS A 264 -28.37 4.91 -12.10
C LYS A 264 -27.19 4.03 -11.64
N LEU A 265 -26.95 2.97 -12.39
CA LEU A 265 -25.91 1.99 -12.09
C LEU A 265 -25.14 1.73 -13.39
N PRO A 266 -23.82 1.50 -13.34
CA PRO A 266 -22.93 1.36 -12.20
C PRO A 266 -22.48 2.70 -11.64
N PHE A 267 -21.92 2.66 -10.43
CA PHE A 267 -21.24 3.80 -9.87
C PHE A 267 -20.25 3.27 -8.84
N ALA A 268 -19.27 4.10 -8.48
CA ALA A 268 -18.28 3.73 -7.49
C ALA A 268 -18.13 4.80 -6.44
N ALA A 269 -17.87 4.39 -5.20
CA ALA A 269 -17.62 5.32 -4.11
C ALA A 269 -16.27 4.99 -3.50
N ALA A 270 -15.64 6.00 -2.88
CA ALA A 270 -14.34 5.81 -2.25
C ALA A 270 -14.18 6.58 -0.94
N GLN A 271 -13.34 6.03 -0.06
CA GLN A 271 -12.86 6.72 1.14
C GLN A 271 -11.35 6.63 1.19
N ILE A 272 -10.69 7.72 1.60
CA ILE A 272 -9.29 7.70 2.01
C ILE A 272 -9.23 8.09 3.48
N GLY A 273 -8.88 7.15 4.34
CA GLY A 273 -8.91 7.43 5.76
C GLY A 273 -8.29 6.33 6.56
N ASN A 274 -8.29 6.52 7.88
CA ASN A 274 -7.64 5.59 8.78
C ASN A 274 -8.60 4.57 9.32
N SER A 275 -8.07 3.36 9.48
CA SER A 275 -8.76 2.29 10.11
C SER A 275 -7.80 1.73 11.14
N PHE A 276 -8.31 0.87 12.02
CA PHE A 276 -7.55 0.41 13.18
C PHE A 276 -7.72 -1.09 13.39
N ARG A 277 -6.65 -1.74 13.81
CA ARG A 277 -6.63 -3.18 13.96
C ARG A 277 -5.73 -3.54 15.14
N ASN A 278 -6.33 -3.91 16.27
CA ASN A 278 -5.57 -4.13 17.50
C ASN A 278 -4.78 -5.43 17.45
N GLU A 279 -3.68 -5.42 16.70
CA GLU A 279 -2.84 -6.59 16.50
C GLU A 279 -2.24 -7.06 17.82
N ILE A 280 -2.16 -8.38 18.04
CA ILE A 280 -1.64 -8.93 19.31
C ILE A 280 -0.20 -8.51 19.58
N SER A 281 0.68 -8.76 18.62
CA SER A 281 2.11 -8.44 18.76
C SER A 281 2.74 -8.09 17.41
N PRO A 282 2.61 -6.83 16.99
CA PRO A 282 3.25 -6.41 15.75
C PRO A 282 4.77 -6.29 15.89
N ARG A 283 5.51 -6.95 15.00
CA ARG A 283 6.98 -6.89 14.98
C ARG A 283 7.55 -6.97 13.56
N SER A 284 6.82 -6.40 12.61
CA SER A 284 7.18 -6.47 11.20
C SER A 284 7.26 -5.06 10.60
N GLY A 285 7.83 -4.14 11.35
CA GLY A 285 7.90 -2.75 10.93
C GLY A 285 6.54 -2.24 10.47
N LEU A 286 6.54 -1.49 9.37
CA LEU A 286 5.33 -0.89 8.79
C LEU A 286 4.29 -1.88 8.24
N ILE A 287 4.69 -3.14 8.03
CA ILE A 287 3.80 -4.15 7.47
C ILE A 287 2.64 -4.45 8.41
N ARG A 288 2.94 -4.63 9.70
CA ARG A 288 1.90 -4.91 10.69
C ARG A 288 1.74 -3.76 11.68
N VAL A 289 0.79 -2.88 11.40
CA VAL A 289 0.51 -1.73 12.25
C VAL A 289 -0.90 -1.81 12.81
N ARG A 290 -1.12 -1.07 13.90
CA ARG A 290 -2.43 -1.02 14.57
C ARG A 290 -3.29 0.16 14.12
N GLU A 291 -2.66 1.12 13.45
CA GLU A 291 -3.34 2.29 12.89
C GLU A 291 -2.74 2.56 11.53
N PHE A 292 -3.58 2.79 10.52
CA PHE A 292 -3.11 2.88 9.13
C PHE A 292 -4.12 3.52 8.20
N THR A 293 -3.61 4.21 7.18
CA THR A 293 -4.45 4.84 6.17
C THR A 293 -4.77 3.86 5.06
N MET A 294 -6.05 3.80 4.71
CA MET A 294 -6.54 2.99 3.61
C MET A 294 -7.12 3.90 2.54
N ALA A 295 -7.11 3.40 1.31
CA ALA A 295 -7.86 3.98 0.23
C ALA A 295 -8.68 2.82 -0.31
N GLU A 296 -10.00 2.89 -0.13
CA GLU A 296 -10.86 1.80 -0.56
C GLU A 296 -11.91 2.31 -1.54
N ILE A 297 -12.16 1.51 -2.57
CA ILE A 297 -13.16 1.80 -3.57
C ILE A 297 -14.20 0.70 -3.49
N GLU A 298 -15.47 1.08 -3.65
CA GLU A 298 -16.54 0.10 -3.74
C GLU A 298 -17.27 0.38 -5.05
N HIS A 299 -17.08 -0.50 -6.03
CA HIS A 299 -17.64 -0.33 -7.36
C HIS A 299 -18.88 -1.19 -7.54
N PHE A 300 -20.05 -0.56 -7.51
CA PHE A 300 -21.32 -1.27 -7.63
C PHE A 300 -21.70 -1.45 -9.10
N VAL A 301 -22.16 -2.65 -9.43
CA VAL A 301 -22.43 -3.02 -10.83
C VAL A 301 -23.61 -3.98 -10.91
N ASP A 302 -24.44 -3.81 -11.95
CA ASP A 302 -25.55 -4.74 -12.21
C ASP A 302 -24.97 -6.08 -12.65
N PRO A 303 -25.31 -7.17 -11.95
CA PRO A 303 -24.75 -8.48 -12.33
C PRO A 303 -25.02 -8.86 -13.79
N SER A 304 -26.10 -8.36 -14.37
CA SER A 304 -26.40 -8.58 -15.78
C SER A 304 -25.46 -7.77 -16.69
N GLU A 305 -25.27 -6.49 -16.37
CA GLU A 305 -24.38 -5.60 -17.14
C GLU A 305 -22.98 -5.59 -16.55
N LYS A 306 -22.38 -6.77 -16.37
CA LYS A 306 -21.08 -6.87 -15.70
C LYS A 306 -19.95 -6.94 -16.72
N ASP A 307 -19.86 -5.92 -17.56
CA ASP A 307 -18.80 -5.78 -18.54
C ASP A 307 -18.34 -4.34 -18.52
N HIS A 308 -17.04 -4.10 -18.35
CA HIS A 308 -16.53 -2.73 -18.18
C HIS A 308 -16.16 -2.08 -19.52
N PRO A 309 -16.82 -0.97 -19.89
CA PRO A 309 -16.59 -0.30 -21.17
C PRO A 309 -15.13 0.04 -21.47
N LYS A 310 -14.35 0.37 -20.45
CA LYS A 310 -12.95 0.75 -20.64
C LYS A 310 -11.97 -0.41 -20.53
N PHE A 311 -12.46 -1.65 -20.50
CA PHE A 311 -11.54 -2.78 -20.29
C PHE A 311 -10.40 -2.81 -21.30
N GLN A 312 -10.70 -2.45 -22.54
CA GLN A 312 -9.71 -2.59 -23.61
C GLN A 312 -8.52 -1.65 -23.45
N ASN A 313 -8.62 -0.73 -22.50
CA ASN A 313 -7.50 0.14 -22.16
C ASN A 313 -6.40 -0.60 -21.40
N VAL A 314 -6.75 -1.72 -20.76
CA VAL A 314 -5.78 -2.48 -19.96
C VAL A 314 -5.59 -3.93 -20.46
N ALA A 315 -6.34 -4.32 -21.49
CA ALA A 315 -6.32 -5.70 -21.99
C ALA A 315 -4.94 -6.17 -22.44
N ASP A 316 -4.09 -5.24 -22.90
CA ASP A 316 -2.76 -5.57 -23.44
C ASP A 316 -1.67 -5.66 -22.36
N LEU A 317 -1.98 -5.30 -21.12
CA LEU A 317 -1.00 -5.40 -20.04
C LEU A 317 -0.61 -6.85 -19.79
N HIS A 318 0.68 -7.08 -19.58
CA HIS A 318 1.19 -8.42 -19.27
C HIS A 318 1.62 -8.43 -17.81
N LEU A 319 0.94 -9.22 -16.99
CA LEU A 319 1.24 -9.26 -15.57
C LEU A 319 1.16 -10.66 -15.00
N TYR A 320 1.92 -10.89 -13.94
CA TYR A 320 1.99 -12.19 -13.29
C TYR A 320 0.70 -12.47 -12.52
N LEU A 321 0.00 -13.52 -12.95
CA LEU A 321 -1.22 -13.97 -12.29
C LEU A 321 -0.96 -15.30 -11.62
N TYR A 322 -1.50 -15.48 -10.42
CA TYR A 322 -1.25 -16.67 -9.61
C TYR A 322 -2.59 -17.25 -9.17
N SER A 323 -3.12 -18.14 -10.00
CA SER A 323 -4.49 -18.62 -9.83
C SER A 323 -4.67 -19.48 -8.60
N ALA A 324 -5.93 -19.67 -8.20
CA ALA A 324 -6.26 -20.61 -7.13
C ALA A 324 -5.91 -22.03 -7.57
N LYS A 325 -6.07 -22.31 -8.86
CA LYS A 325 -5.68 -23.62 -9.40
C LYS A 325 -4.17 -23.81 -9.32
N ALA A 326 -3.41 -22.83 -9.78
CA ALA A 326 -1.96 -22.91 -9.78
C ALA A 326 -1.40 -23.22 -8.39
N GLN A 327 -2.03 -22.60 -7.38
CA GLN A 327 -1.66 -22.83 -5.98
C GLN A 327 -2.03 -24.22 -5.50
N VAL A 328 -3.20 -24.71 -5.91
CA VAL A 328 -3.67 -26.04 -5.53
C VAL A 328 -2.84 -27.13 -6.21
N SER A 329 -2.63 -26.98 -7.52
CA SER A 329 -1.78 -27.90 -8.28
C SER A 329 -0.31 -27.75 -7.93
N GLY A 330 0.07 -26.61 -7.34
CA GLY A 330 1.44 -26.39 -6.90
C GLY A 330 2.40 -26.03 -8.02
N GLN A 331 1.93 -25.27 -9.01
CA GLN A 331 2.77 -24.75 -10.08
C GLN A 331 2.96 -23.25 -9.88
N SER A 332 3.84 -22.65 -10.68
CA SER A 332 4.23 -21.25 -10.48
C SER A 332 3.22 -20.26 -11.04
N ALA A 333 3.43 -18.98 -10.72
CA ALA A 333 2.63 -17.89 -11.27
C ALA A 333 2.95 -17.72 -12.76
N ARG A 334 1.95 -17.27 -13.52
CA ARG A 334 2.07 -17.12 -14.96
C ARG A 334 1.98 -15.66 -15.35
N LYS A 335 2.88 -15.21 -16.22
CA LYS A 335 2.76 -13.89 -16.83
C LYS A 335 1.81 -13.98 -18.02
N MET A 336 0.63 -13.39 -17.89
CA MET A 336 -0.39 -13.45 -18.93
C MET A 336 -0.76 -12.06 -19.42
N ARG A 337 -1.28 -12.02 -20.64
CA ARG A 337 -1.94 -10.83 -21.16
C ARG A 337 -3.30 -10.71 -20.49
N LEU A 338 -3.58 -9.56 -19.90
CA LEU A 338 -4.82 -9.35 -19.14
C LEU A 338 -6.03 -9.83 -19.95
N GLY A 339 -6.07 -9.43 -21.22
CA GLY A 339 -7.14 -9.85 -22.12
C GLY A 339 -7.26 -11.36 -22.23
N ASP A 340 -6.14 -12.04 -22.44
CA ASP A 340 -6.13 -13.51 -22.55
C ASP A 340 -6.66 -14.16 -21.29
N ALA A 341 -6.21 -13.66 -20.13
CA ALA A 341 -6.65 -14.16 -18.83
C ALA A 341 -8.17 -14.14 -18.71
N VAL A 342 -8.81 -13.07 -19.19
CA VAL A 342 -10.26 -12.98 -19.13
C VAL A 342 -10.92 -13.95 -20.12
N GLU A 343 -10.37 -14.05 -21.34
CA GLU A 343 -10.94 -14.96 -22.34
C GLU A 343 -10.87 -16.40 -21.87
N GLN A 344 -9.77 -16.75 -21.22
CA GLN A 344 -9.52 -18.13 -20.80
C GLN A 344 -10.25 -18.54 -19.52
N GLY A 345 -10.89 -17.59 -18.85
CA GLY A 345 -11.63 -17.87 -17.63
C GLY A 345 -10.85 -17.63 -16.34
N VAL A 346 -9.57 -17.28 -16.45
CA VAL A 346 -8.72 -17.08 -15.28
C VAL A 346 -9.18 -15.88 -14.43
N ILE A 347 -9.46 -14.75 -15.07
CA ILE A 347 -10.21 -13.66 -14.42
C ILE A 347 -11.67 -13.79 -14.88
N ASN A 348 -12.59 -13.78 -13.92
CA ASN A 348 -14.01 -14.03 -14.18
C ASN A 348 -14.66 -13.08 -15.19
N ASN A 349 -14.36 -11.78 -15.08
CA ASN A 349 -15.03 -10.78 -15.91
C ASN A 349 -14.19 -9.51 -16.11
N THR A 350 -14.62 -8.66 -17.03
CA THR A 350 -13.85 -7.47 -17.40
C THR A 350 -13.97 -6.30 -16.41
N VAL A 351 -14.92 -6.36 -15.47
CA VAL A 351 -15.02 -5.31 -14.45
C VAL A 351 -13.91 -5.54 -13.45
N LEU A 352 -13.87 -6.74 -12.89
CA LEU A 352 -12.76 -7.18 -12.04
C LEU A 352 -11.44 -7.01 -12.80
N GLY A 353 -11.42 -7.44 -14.05
CA GLY A 353 -10.23 -7.33 -14.90
C GLY A 353 -9.73 -5.91 -15.04
N TYR A 354 -10.63 -4.99 -15.34
CA TYR A 354 -10.27 -3.59 -15.51
C TYR A 354 -9.52 -3.08 -14.29
N PHE A 355 -10.10 -3.29 -13.11
CA PHE A 355 -9.50 -2.80 -11.87
C PHE A 355 -8.16 -3.46 -11.54
N ILE A 356 -8.02 -4.76 -11.85
CA ILE A 356 -6.73 -5.44 -11.70
C ILE A 356 -5.65 -4.66 -12.46
N GLY A 357 -5.96 -4.33 -13.72
CA GLY A 357 -5.02 -3.60 -14.57
C GLY A 357 -4.78 -2.18 -14.08
N ARG A 358 -5.82 -1.55 -13.56
CA ARG A 358 -5.70 -0.20 -13.01
C ARG A 358 -4.87 -0.20 -11.72
N ILE A 359 -5.08 -1.21 -10.88
CA ILE A 359 -4.24 -1.42 -9.69
C ILE A 359 -2.80 -1.63 -10.13
N TYR A 360 -2.61 -2.46 -11.15
CA TYR A 360 -1.27 -2.73 -11.67
C TYR A 360 -0.58 -1.44 -12.11
N LEU A 361 -1.28 -0.64 -12.91
CA LEU A 361 -0.73 0.61 -13.39
C LEU A 361 -0.41 1.57 -12.24
N TYR A 362 -1.29 1.65 -11.25
CA TYR A 362 -1.06 2.55 -10.11
C TYR A 362 0.19 2.17 -9.33
N LEU A 363 0.32 0.88 -9.00
CA LEU A 363 1.42 0.40 -8.16
C LEU A 363 2.75 0.61 -8.88
N THR A 364 2.72 0.34 -10.17
CA THR A 364 3.90 0.41 -10.99
C THR A 364 4.31 1.88 -11.20
N LYS A 365 3.33 2.76 -11.28
CA LYS A 365 3.55 4.21 -11.46
C LYS A 365 4.17 4.84 -10.22
N VAL A 366 3.88 4.26 -9.07
CA VAL A 366 4.25 4.84 -7.77
C VAL A 366 5.59 4.27 -7.28
N GLY A 367 6.15 3.29 -8.00
CA GLY A 367 7.50 2.78 -7.73
C GLY A 367 7.70 1.28 -7.53
N ILE A 368 6.62 0.50 -7.53
CA ILE A 368 6.74 -0.95 -7.33
C ILE A 368 7.31 -1.55 -8.63
N SER A 369 8.20 -2.53 -8.49
CA SER A 369 8.83 -3.19 -9.65
C SER A 369 7.94 -4.30 -10.19
N PRO A 370 7.66 -4.29 -11.50
CA PRO A 370 6.83 -5.32 -12.10
C PRO A 370 7.32 -6.75 -11.86
N ASP A 371 8.63 -6.95 -11.89
CA ASP A 371 9.19 -8.29 -11.67
C ASP A 371 8.95 -8.80 -10.24
N LYS A 372 8.67 -7.89 -9.32
CA LYS A 372 8.35 -8.24 -7.93
C LYS A 372 6.90 -7.90 -7.59
N LEU A 373 6.01 -8.04 -8.57
CA LEU A 373 4.58 -7.78 -8.41
C LEU A 373 3.77 -8.91 -9.03
N ARG A 374 2.80 -9.42 -8.29
CA ARG A 374 1.93 -10.48 -8.79
C ARG A 374 0.53 -10.35 -8.22
N PHE A 375 -0.43 -10.96 -8.90
CA PHE A 375 -1.81 -10.97 -8.42
C PHE A 375 -2.19 -12.39 -8.07
N ARG A 376 -2.55 -12.61 -6.81
CA ARG A 376 -2.89 -13.94 -6.32
C ARG A 376 -4.37 -14.06 -6.04
N GLN A 377 -4.99 -15.06 -6.67
CA GLN A 377 -6.37 -15.40 -6.40
C GLN A 377 -6.47 -16.17 -5.10
N HIS A 378 -7.51 -15.90 -4.33
CA HIS A 378 -7.74 -16.63 -3.07
C HIS A 378 -8.17 -18.05 -3.35
N MET A 379 -7.81 -18.95 -2.43
CA MET A 379 -8.24 -20.34 -2.46
C MET A 379 -9.68 -20.39 -1.93
N GLU A 380 -10.32 -21.54 -2.04
CA GLU A 380 -11.69 -21.70 -1.52
C GLU A 380 -11.71 -21.72 0.00
N ASN A 381 -10.69 -22.34 0.60
CA ASN A 381 -10.57 -22.46 2.06
C ASN A 381 -10.47 -21.12 2.82
N GLU A 382 -10.07 -20.06 2.12
CA GLU A 382 -9.89 -18.75 2.75
C GLU A 382 -11.25 -18.10 3.10
N MET A 383 -12.23 -18.32 2.22
CA MET A 383 -13.62 -17.81 2.39
C MET A 383 -13.73 -16.59 3.32
N TYR A 386 -21.14 -16.80 2.30
CA TYR A 386 -20.80 -15.52 1.70
C TYR A 386 -19.34 -15.52 1.22
N ALA A 387 -19.11 -16.15 0.06
CA ALA A 387 -17.78 -16.27 -0.52
C ALA A 387 -17.49 -15.10 -1.47
N CYS A 388 -16.40 -15.24 -2.24
CA CYS A 388 -16.02 -14.24 -3.22
C CYS A 388 -14.92 -14.72 -4.15
N ASP A 389 -14.82 -14.08 -5.31
CA ASP A 389 -13.72 -14.26 -6.21
C ASP A 389 -12.76 -13.11 -5.91
N CYS A 390 -11.70 -13.40 -5.15
CA CYS A 390 -10.81 -12.36 -4.67
C CYS A 390 -9.38 -12.48 -5.20
N TRP A 391 -8.85 -11.36 -5.69
CA TRP A 391 -7.46 -11.26 -6.14
C TRP A 391 -6.70 -10.20 -5.33
N ASP A 392 -5.60 -10.59 -4.71
CA ASP A 392 -4.72 -9.65 -4.00
C ASP A 392 -3.49 -9.30 -4.81
N ALA A 393 -3.22 -8.00 -4.97
CA ALA A 393 -1.90 -7.54 -5.43
C ALA A 393 -0.90 -7.82 -4.33
N GLU A 394 0.17 -8.55 -4.67
CA GLU A 394 1.21 -8.89 -3.72
C GLU A 394 2.58 -8.50 -4.27
N SER A 395 3.42 -7.95 -3.39
CA SER A 395 4.76 -7.53 -3.76
C SER A 395 5.78 -8.42 -3.07
N LYS A 396 6.91 -8.63 -3.75
CA LYS A 396 8.01 -9.42 -3.20
C LYS A 396 8.89 -8.48 -2.38
N THR A 397 8.99 -8.74 -1.07
CA THR A 397 9.78 -7.91 -0.15
C THR A 397 10.72 -8.80 0.68
N SER A 398 11.48 -8.17 1.58
CA SER A 398 12.34 -8.91 2.50
C SER A 398 11.52 -9.71 3.52
N TYR A 399 10.25 -9.34 3.68
CA TYR A 399 9.31 -10.13 4.48
C TYR A 399 8.59 -11.19 3.64
N GLY A 400 9.02 -11.36 2.39
CA GLY A 400 8.35 -12.27 1.45
C GLY A 400 7.25 -11.57 0.68
N TRP A 401 6.43 -12.35 0.01
CA TRP A 401 5.25 -11.83 -0.68
C TRP A 401 4.21 -11.35 0.31
N ILE A 402 3.81 -10.09 0.19
CA ILE A 402 2.79 -9.50 1.07
C ILE A 402 1.69 -8.84 0.25
N GLU A 403 0.44 -8.95 0.72
CA GLU A 403 -0.66 -8.28 0.05
C GLU A 403 -0.61 -6.78 0.32
N ILE A 404 -0.80 -5.99 -0.73
CA ILE A 404 -0.73 -4.54 -0.61
C ILE A 404 -1.99 -3.88 -1.17
N VAL A 405 -2.70 -4.58 -2.04
CA VAL A 405 -4.03 -4.17 -2.48
C VAL A 405 -4.93 -5.40 -2.62
N GLY A 406 -6.05 -5.41 -1.91
CA GLY A 406 -7.06 -6.44 -2.11
C GLY A 406 -8.03 -6.02 -3.20
N CYS A 407 -8.61 -6.99 -3.89
CA CYS A 407 -9.64 -6.70 -4.90
C CYS A 407 -10.70 -7.82 -4.98
N ALA A 408 -11.76 -7.70 -4.19
CA ALA A 408 -12.77 -8.74 -4.08
C ALA A 408 -13.98 -8.48 -4.99
N ASP A 409 -14.51 -9.56 -5.55
CA ASP A 409 -15.72 -9.52 -6.36
C ASP A 409 -16.78 -10.27 -5.57
N ARG A 410 -17.87 -9.60 -5.19
CA ARG A 410 -18.90 -10.18 -4.34
C ARG A 410 -20.30 -10.03 -4.92
N SER A 411 -21.15 -11.01 -4.63
CA SER A 411 -22.56 -11.00 -5.04
C SER A 411 -23.47 -10.78 -3.83
N CYS A 412 -23.26 -11.59 -2.79
CA CYS A 412 -23.93 -11.44 -1.50
C CYS A 412 -22.93 -10.93 -0.48
N TYR A 413 -23.29 -9.86 0.23
CA TYR A 413 -22.37 -9.20 1.15
C TYR A 413 -23.13 -8.27 2.11
N ASP A 414 -22.41 -7.34 2.73
CA ASP A 414 -22.91 -6.58 3.89
C ASP A 414 -24.15 -5.73 3.61
N LEU A 415 -24.27 -5.24 2.37
CA LEU A 415 -25.38 -4.38 1.97
C LEU A 415 -26.74 -5.00 2.29
N SER A 416 -26.85 -6.31 2.11
CA SER A 416 -28.10 -7.03 2.40
C SER A 416 -28.31 -7.23 3.90
N CYS A 417 -27.22 -7.40 4.64
CA CYS A 417 -27.30 -7.56 6.09
C CYS A 417 -27.80 -6.28 6.76
N HIS A 418 -27.19 -5.14 6.40
CA HIS A 418 -27.61 -3.84 6.91
C HIS A 418 -29.06 -3.51 6.53
N ALA A 419 -29.46 -3.94 5.34
CA ALA A 419 -30.83 -3.71 4.88
C ALA A 419 -31.86 -4.29 5.84
N ARG A 420 -31.77 -5.59 6.11
CA ARG A 420 -32.74 -6.24 7.01
C ARG A 420 -32.49 -5.90 8.48
N ALA A 421 -31.25 -5.60 8.84
CA ALA A 421 -30.92 -5.13 10.19
C ALA A 421 -31.68 -3.86 10.53
N THR A 422 -31.81 -2.95 9.56
CA THR A 422 -32.40 -1.63 9.75
C THR A 422 -33.80 -1.47 9.17
N LYS A 423 -34.27 -2.46 8.40
CA LYS A 423 -35.53 -2.39 7.66
C LYS A 423 -35.57 -1.25 6.62
N VAL A 424 -34.40 -0.88 6.11
CA VAL A 424 -34.27 0.15 5.08
C VAL A 424 -33.76 -0.51 3.80
N PRO A 425 -34.56 -0.49 2.71
CA PRO A 425 -34.15 -1.18 1.49
C PRO A 425 -32.93 -0.54 0.82
N LEU A 426 -31.83 -1.31 0.77
CA LEU A 426 -30.60 -0.87 0.13
C LEU A 426 -30.44 -1.61 -1.21
N VAL A 427 -31.28 -1.24 -2.16
CA VAL A 427 -31.33 -1.88 -3.47
C VAL A 427 -31.44 -0.84 -4.59
N ALA A 428 -31.16 -1.27 -5.82
CA ALA A 428 -31.29 -0.42 -6.99
C ALA A 428 -32.56 -0.80 -7.74
N GLU A 429 -33.15 0.16 -8.43
CA GLU A 429 -34.42 -0.02 -9.12
C GLU A 429 -34.27 0.31 -10.61
N LYS A 430 -34.34 -0.71 -11.46
CA LYS A 430 -34.22 -0.51 -12.92
C LYS A 430 -35.56 -0.74 -13.63
N PRO A 431 -36.13 0.35 -14.21
CA PRO A 431 -37.27 0.21 -15.10
C PRO A 431 -36.82 0.06 -16.55
N TYR A 512 -42.26 -2.26 -15.92
CA TYR A 512 -40.99 -2.89 -15.57
C TYR A 512 -40.36 -2.16 -14.38
N VAL A 513 -40.19 -2.88 -13.28
CA VAL A 513 -39.48 -2.37 -12.10
C VAL A 513 -38.81 -3.54 -11.38
N GLU A 514 -37.53 -3.74 -11.67
CA GLU A 514 -36.78 -4.85 -11.11
C GLU A 514 -35.93 -4.38 -9.93
N GLU A 515 -35.95 -5.17 -8.86
CA GLU A 515 -35.09 -4.96 -7.70
C GLU A 515 -33.70 -5.48 -8.06
N VAL A 516 -32.70 -4.60 -8.05
CA VAL A 516 -31.33 -4.97 -8.37
C VAL A 516 -30.46 -4.88 -7.13
N VAL A 517 -29.92 -6.02 -6.70
CA VAL A 517 -28.94 -6.07 -5.61
C VAL A 517 -27.55 -6.12 -6.23
N PRO A 518 -26.83 -4.98 -6.21
CA PRO A 518 -25.62 -4.91 -7.02
C PRO A 518 -24.53 -5.85 -6.57
N ASN A 519 -23.67 -6.25 -7.50
CA ASN A 519 -22.40 -6.89 -7.17
C ASN A 519 -21.43 -5.77 -6.86
N VAL A 520 -20.29 -6.12 -6.26
CA VAL A 520 -19.24 -5.14 -5.99
C VAL A 520 -17.86 -5.67 -6.34
N ILE A 521 -17.05 -4.82 -6.95
CA ILE A 521 -15.61 -5.01 -6.98
C ILE A 521 -15.05 -4.07 -5.93
N GLU A 522 -14.20 -4.59 -5.04
CA GLU A 522 -13.72 -3.83 -3.88
C GLU A 522 -12.20 -3.68 -3.83
N PRO A 523 -11.62 -2.80 -4.65
CA PRO A 523 -10.20 -2.47 -4.52
C PRO A 523 -9.87 -1.79 -3.17
N SER A 524 -8.99 -2.42 -2.41
CA SER A 524 -8.64 -1.94 -1.08
C SER A 524 -7.12 -1.78 -0.96
N PHE A 525 -6.67 -0.55 -0.80
CA PHE A 525 -5.26 -0.19 -0.87
C PHE A 525 -4.65 0.10 0.50
N GLY A 526 -3.64 -0.67 0.87
CA GLY A 526 -2.93 -0.46 2.11
C GLY A 526 -1.77 0.46 1.85
N LEU A 527 -2.02 1.76 2.01
CA LEU A 527 -1.06 2.77 1.64
C LEU A 527 0.30 2.60 2.30
N GLY A 528 0.31 2.32 3.60
CA GLY A 528 1.57 2.10 4.32
C GLY A 528 2.40 0.98 3.71
N ARG A 529 1.77 -0.14 3.41
CA ARG A 529 2.45 -1.27 2.77
C ARG A 529 2.94 -0.96 1.36
N ILE A 530 2.17 -0.14 0.63
CA ILE A 530 2.57 0.26 -0.70
C ILE A 530 3.85 1.09 -0.62
N MET A 531 3.87 2.00 0.34
CA MET A 531 5.01 2.87 0.59
C MET A 531 6.24 2.05 1.01
N TYR A 532 6.05 1.15 1.96
CA TYR A 532 7.17 0.30 2.40
C TYR A 532 7.76 -0.49 1.24
N THR A 533 6.91 -0.97 0.33
CA THR A 533 7.37 -1.74 -0.81
C THR A 533 8.18 -0.85 -1.74
N VAL A 534 7.68 0.37 -1.96
CA VAL A 534 8.43 1.33 -2.76
C VAL A 534 9.82 1.56 -2.15
N PHE A 535 9.91 1.63 -0.83
CA PHE A 535 11.21 1.81 -0.17
C PHE A 535 12.15 0.66 -0.53
N GLU A 536 11.68 -0.58 -0.38
CA GLU A 536 12.50 -1.75 -0.66
C GLU A 536 12.84 -1.88 -2.15
N HIS A 537 11.92 -1.48 -3.02
CA HIS A 537 12.11 -1.63 -4.45
C HIS A 537 12.93 -0.50 -5.08
N THR A 538 12.99 0.66 -4.42
CA THR A 538 13.75 1.81 -4.94
C THR A 538 15.05 2.15 -4.19
N PHE A 539 15.29 1.52 -3.04
CA PHE A 539 16.53 1.71 -2.28
C PHE A 539 17.75 1.11 -3.00
N HIS A 540 18.77 1.92 -3.21
CA HIS A 540 20.02 1.48 -3.81
C HIS A 540 21.22 2.03 -3.05
N VAL A 541 22.35 1.37 -3.19
CA VAL A 541 23.59 1.79 -2.55
C VAL A 541 24.60 2.13 -3.62
N ARG A 542 25.11 3.36 -3.57
CA ARG A 542 26.07 3.85 -4.55
C ARG A 542 27.38 3.07 -4.53
N GLU A 543 28.05 3.04 -5.68
CA GLU A 543 29.35 2.39 -5.81
C GLU A 543 30.42 3.32 -5.26
N GLY A 544 30.76 3.14 -3.98
CA GLY A 544 31.81 3.94 -3.33
C GLY A 544 32.26 3.34 -2.00
N ASP A 545 33.27 3.96 -1.40
CA ASP A 545 33.75 3.54 -0.07
C ASP A 545 32.82 4.06 1.03
N GLU A 546 32.26 5.25 0.81
CA GLU A 546 31.38 5.90 1.81
C GLU A 546 29.99 5.25 1.87
N GLN A 547 29.66 4.37 0.93
CA GLN A 547 28.38 3.68 0.93
C GLN A 547 27.24 4.68 1.02
N ARG A 548 27.25 5.64 0.11
CA ARG A 548 26.12 6.56 -0.04
C ARG A 548 24.94 5.79 -0.60
N THR A 549 23.74 6.17 -0.20
CA THR A 549 22.52 5.50 -0.65
C THR A 549 21.58 6.47 -1.31
N PHE A 550 20.67 5.94 -2.11
CA PHE A 550 19.60 6.77 -2.67
C PHE A 550 18.36 5.91 -2.92
N PHE A 551 17.22 6.59 -3.02
CA PHE A 551 15.97 5.98 -3.42
C PHE A 551 15.69 6.43 -4.86
N SER A 552 15.44 5.49 -5.75
CA SER A 552 15.07 5.81 -7.13
C SER A 552 13.57 6.06 -7.28
N PHE A 553 13.01 6.90 -6.41
CA PHE A 553 11.58 7.23 -6.43
C PHE A 553 11.16 7.84 -7.75
N PRO A 554 10.06 7.36 -8.34
CA PRO A 554 9.55 8.09 -9.51
C PRO A 554 9.31 9.56 -9.18
N ALA A 555 9.39 10.43 -10.19
CA ALA A 555 9.22 11.87 -9.99
C ALA A 555 7.86 12.25 -9.39
N VAL A 556 6.80 11.49 -9.69
CA VAL A 556 5.47 11.77 -9.13
C VAL A 556 5.34 11.47 -7.64
N VAL A 557 6.25 10.70 -7.06
CA VAL A 557 6.20 10.42 -5.60
C VAL A 557 7.38 10.97 -4.81
N ALA A 558 8.48 11.34 -5.48
CA ALA A 558 9.64 11.90 -4.79
C ALA A 558 9.21 13.05 -3.89
N PRO A 559 9.74 13.11 -2.65
CA PRO A 559 9.30 14.10 -1.68
C PRO A 559 9.20 15.48 -2.31
N PHE A 560 10.22 15.87 -3.06
CA PHE A 560 10.07 16.90 -4.07
C PHE A 560 10.89 16.56 -5.30
N LYS A 561 10.52 17.17 -6.42
CA LYS A 561 11.10 16.78 -7.71
C LYS A 561 12.49 17.37 -7.96
N CYS A 562 12.74 18.58 -7.46
CA CYS A 562 13.96 19.30 -7.85
C CYS A 562 14.64 20.11 -6.74
N SER A 563 15.87 19.73 -6.41
CA SER A 563 16.67 20.50 -5.48
C SER A 563 17.34 21.63 -6.25
N VAL A 564 17.31 22.84 -5.70
CA VAL A 564 17.98 23.98 -6.30
C VAL A 564 19.11 24.40 -5.38
N LEU A 565 20.35 24.16 -5.78
CA LEU A 565 21.50 24.60 -4.98
C LEU A 565 22.29 25.71 -5.65
N PRO A 566 22.18 26.93 -5.09
CA PRO A 566 23.03 28.03 -5.49
C PRO A 566 24.33 28.03 -4.69
N LEU A 567 25.43 28.42 -5.33
CA LEU A 567 26.72 28.49 -4.65
C LEU A 567 26.78 29.67 -3.67
N SER A 568 25.99 30.71 -3.94
CA SER A 568 25.86 31.85 -3.03
C SER A 568 24.41 32.29 -2.88
N GLN A 569 24.13 33.03 -1.80
CA GLN A 569 22.80 33.57 -1.54
C GLN A 569 22.84 35.10 -1.48
N ASN A 570 23.89 35.70 -2.04
CA ASN A 570 24.02 37.16 -2.08
C ASN A 570 23.03 37.82 -3.05
N GLN A 571 23.03 39.15 -3.06
CA GLN A 571 22.09 39.93 -3.88
C GLN A 571 22.24 39.70 -5.39
N GLU A 572 23.39 39.18 -5.80
CA GLU A 572 23.67 38.91 -7.21
C GLU A 572 23.03 37.60 -7.65
N PHE A 573 22.81 36.70 -6.70
CA PHE A 573 22.29 35.36 -6.97
C PHE A 573 20.77 35.25 -6.83
N MET A 574 20.17 36.12 -6.01
CA MET A 574 18.75 35.98 -5.69
C MET A 574 17.78 36.16 -6.87
N PRO A 575 18.03 37.15 -7.75
CA PRO A 575 17.19 37.26 -8.95
C PRO A 575 17.08 35.95 -9.76
N PHE A 576 18.17 35.19 -9.81
CA PHE A 576 18.19 33.93 -10.56
C PHE A 576 17.50 32.80 -9.83
N VAL A 577 17.68 32.73 -8.51
CA VAL A 577 17.02 31.71 -7.69
C VAL A 577 15.51 31.98 -7.64
N LYS A 578 15.15 33.22 -7.35
CA LYS A 578 13.76 33.62 -7.29
C LYS A 578 13.05 33.28 -8.60
N GLU A 579 13.68 33.65 -9.72
CA GLU A 579 13.10 33.39 -11.03
C GLU A 579 12.93 31.90 -11.26
N LEU A 580 13.96 31.14 -10.92
CA LEU A 580 13.92 29.70 -11.10
C LEU A 580 12.80 29.07 -10.27
N LEU A 581 12.65 29.52 -9.03
CA LEU A 581 11.61 28.99 -8.16
C LEU A 581 10.21 29.32 -8.69
N GLU A 582 10.01 30.56 -9.11
CA GLU A 582 8.72 30.96 -9.66
C GLU A 582 8.39 30.19 -10.94
N ALA A 583 9.39 30.01 -11.82
CA ALA A 583 9.21 29.22 -13.03
C ALA A 583 8.88 27.76 -12.72
N LEU A 584 9.65 27.13 -11.84
CA LEU A 584 9.33 25.76 -11.44
C LEU A 584 7.89 25.66 -10.92
N THR A 585 7.49 26.62 -10.08
CA THR A 585 6.11 26.65 -9.59
C THR A 585 5.13 26.75 -10.75
N ARG A 586 5.36 27.71 -11.64
CA ARG A 586 4.51 27.88 -12.83
C ARG A 586 4.39 26.60 -13.65
N HIS A 587 5.43 25.77 -13.64
CA HIS A 587 5.46 24.48 -14.35
C HIS A 587 5.04 23.28 -13.49
N GLY A 588 4.57 23.55 -12.27
CA GLY A 588 4.06 22.50 -11.39
C GLY A 588 5.12 21.51 -10.94
N VAL A 589 6.37 21.96 -10.87
CA VAL A 589 7.49 21.15 -10.41
C VAL A 589 7.89 21.59 -9.00
N SER A 590 7.73 20.69 -8.03
CA SER A 590 8.05 21.00 -6.65
C SER A 590 9.55 21.06 -6.44
N HIS A 591 9.96 21.82 -5.44
CA HIS A 591 11.38 22.11 -5.25
C HIS A 591 11.70 22.62 -3.85
N LYS A 592 13.00 22.73 -3.58
CA LYS A 592 13.48 23.25 -2.31
C LYS A 592 14.90 23.73 -2.48
N VAL A 593 15.15 24.98 -2.13
CA VAL A 593 16.49 25.54 -2.14
C VAL A 593 17.35 24.80 -1.12
N ASP A 594 18.50 24.29 -1.57
CA ASP A 594 19.45 23.58 -0.73
C ASP A 594 20.33 24.61 -0.02
N ASP A 595 20.29 24.61 1.32
CA ASP A 595 21.12 25.50 2.14
C ASP A 595 22.01 24.72 3.11
N SER A 596 22.43 23.53 2.71
CA SER A 596 23.24 22.67 3.58
C SER A 596 24.73 22.94 3.39
N SER A 597 25.56 22.26 4.19
CA SER A 597 27.01 22.46 4.16
C SER A 597 27.71 21.49 3.21
N GLY A 598 28.97 21.77 2.92
CA GLY A 598 29.83 20.86 2.16
C GLY A 598 29.86 21.11 0.67
N SER A 599 30.66 20.32 -0.05
CA SER A 599 30.80 20.44 -1.49
C SER A 599 29.50 20.14 -2.21
N ILE A 600 29.36 20.68 -3.42
CA ILE A 600 28.20 20.41 -4.28
C ILE A 600 27.80 18.92 -4.26
N GLY A 601 28.79 18.03 -4.39
CA GLY A 601 28.52 16.60 -4.42
C GLY A 601 28.00 16.04 -3.12
N ARG A 602 28.53 16.54 -2.00
CA ARG A 602 28.03 16.16 -0.67
C ARG A 602 26.61 16.69 -0.45
N ARG A 603 26.33 17.87 -0.98
CA ARG A 603 25.00 18.49 -0.83
C ARG A 603 23.99 17.63 -1.58
N TYR A 604 24.30 17.32 -2.83
CA TYR A 604 23.43 16.46 -3.66
C TYR A 604 23.25 15.06 -3.08
N ALA A 605 24.29 14.53 -2.44
CA ALA A 605 24.24 13.23 -1.77
C ALA A 605 23.11 13.15 -0.72
N ARG A 606 22.92 14.23 0.03
CA ARG A 606 21.83 14.29 1.03
C ARG A 606 20.49 14.30 0.31
N THR A 607 20.39 15.17 -0.67
CA THR A 607 19.26 15.23 -1.57
C THR A 607 18.90 13.86 -2.16
N ASP A 608 19.91 13.12 -2.61
CA ASP A 608 19.72 11.79 -3.19
C ASP A 608 19.19 10.79 -2.16
N GLU A 609 19.70 10.91 -0.94
CA GLU A 609 19.40 9.98 0.13
C GLU A 609 17.90 9.93 0.45
N ILE A 610 17.21 11.05 0.27
CA ILE A 610 15.75 11.09 0.43
C ILE A 610 15.01 11.02 -0.93
N GLY A 611 15.73 10.75 -2.00
CA GLY A 611 15.11 10.41 -3.29
C GLY A 611 14.63 11.55 -4.18
N VAL A 612 15.19 12.75 -4.00
CA VAL A 612 14.83 13.89 -4.84
C VAL A 612 15.29 13.66 -6.28
N ALA A 613 14.38 13.83 -7.24
CA ALA A 613 14.60 13.38 -8.62
C ALA A 613 15.70 14.13 -9.39
N PHE A 614 15.69 15.45 -9.31
CA PHE A 614 16.56 16.29 -10.12
C PHE A 614 17.22 17.39 -9.30
N GLY A 615 18.18 18.08 -9.91
CA GLY A 615 18.93 19.11 -9.23
C GLY A 615 19.43 20.17 -10.20
N VAL A 616 19.35 21.42 -9.78
CA VAL A 616 19.84 22.53 -10.57
C VAL A 616 20.84 23.33 -9.77
N THR A 617 22.10 23.28 -10.20
CA THR A 617 23.18 24.04 -9.58
C THR A 617 23.30 25.40 -10.24
N ILE A 618 23.29 26.44 -9.40
CA ILE A 618 23.51 27.81 -9.84
C ILE A 618 24.87 28.25 -9.31
N ASP A 619 25.82 28.50 -10.20
CA ASP A 619 27.17 28.88 -9.79
C ASP A 619 27.52 30.26 -10.32
N PHE A 620 28.77 30.68 -10.10
CA PHE A 620 29.18 32.02 -10.45
C PHE A 620 29.10 32.27 -11.96
N ASP A 621 29.44 31.28 -12.77
CA ASP A 621 29.29 31.42 -14.22
C ASP A 621 27.83 31.66 -14.61
N THR A 622 26.91 30.98 -13.94
CA THR A 622 25.48 31.20 -14.20
C THR A 622 25.13 32.67 -14.02
N VAL A 623 25.63 33.27 -12.94
CA VAL A 623 25.31 34.66 -12.60
C VAL A 623 26.13 35.69 -13.38
N ASN A 624 27.36 35.33 -13.74
CA ASN A 624 28.32 36.29 -14.33
C ASN A 624 28.53 36.17 -15.84
N LYS A 625 28.48 34.95 -16.38
CA LYS A 625 28.61 34.76 -17.83
C LYS A 625 27.25 34.93 -18.53
N THR A 626 27.25 35.68 -19.64
CA THR A 626 26.16 35.59 -20.63
C THR A 626 26.36 34.55 -21.79
N PRO A 627 25.34 33.73 -22.10
CA PRO A 627 24.04 33.62 -21.45
C PRO A 627 24.11 32.86 -20.13
N HIS A 628 23.07 33.01 -19.32
CA HIS A 628 23.05 32.46 -17.98
C HIS A 628 22.57 31.01 -18.03
N THR A 629 23.50 30.08 -17.85
CA THR A 629 23.22 28.65 -17.89
C THR A 629 23.50 28.01 -16.52
N ALA A 630 22.85 26.89 -16.26
CA ALA A 630 22.99 26.19 -14.97
C ALA A 630 23.04 24.69 -15.17
N THR A 631 23.61 23.98 -14.21
CA THR A 631 23.77 22.53 -14.34
C THR A 631 22.47 21.83 -13.94
N LEU A 632 22.02 20.89 -14.77
CA LEU A 632 20.89 20.01 -14.42
C LEU A 632 21.48 18.63 -14.17
N ARG A 633 21.16 18.05 -13.02
CA ARG A 633 21.75 16.78 -12.57
C ARG A 633 20.66 15.74 -12.41
N ASP A 634 20.87 14.57 -13.02
CA ASP A 634 19.94 13.43 -12.89
C ASP A 634 20.30 12.60 -11.68
N ARG A 635 19.32 12.35 -10.81
CA ARG A 635 19.57 11.66 -9.54
C ARG A 635 20.18 10.26 -9.75
N ASP A 636 19.53 9.44 -10.56
CA ASP A 636 19.94 8.04 -10.71
C ASP A 636 21.37 7.91 -11.24
N SER A 637 21.63 8.53 -12.38
CA SER A 637 22.93 8.42 -13.03
C SER A 637 23.98 9.35 -12.41
N MET A 638 23.53 10.45 -11.81
CA MET A 638 24.42 11.53 -11.37
C MET A 638 25.04 12.30 -12.54
N ARG A 639 24.57 12.02 -13.76
CA ARG A 639 25.06 12.71 -14.95
C ARG A 639 24.51 14.11 -14.98
N GLN A 640 25.29 15.04 -15.53
CA GLN A 640 24.93 16.45 -15.52
C GLN A 640 24.94 17.06 -16.92
N ILE A 641 24.21 18.16 -17.04
CA ILE A 641 23.95 18.83 -18.31
C ILE A 641 24.00 20.34 -18.07
N ARG A 642 24.17 21.12 -19.13
CA ARG A 642 24.24 22.57 -19.00
C ARG A 642 23.31 23.24 -20.00
N ALA A 643 22.22 23.83 -19.50
CA ALA A 643 21.26 24.53 -20.34
C ALA A 643 20.98 25.92 -19.78
N GLU A 644 20.38 26.79 -20.60
CA GLU A 644 20.07 28.15 -20.16
C GLU A 644 19.09 28.09 -19.00
N ILE A 645 19.38 28.87 -17.95
CA ILE A 645 18.58 28.90 -16.73
C ILE A 645 17.08 29.05 -17.01
N SER A 646 16.72 29.78 -18.06
CA SER A 646 15.33 29.97 -18.47
C SER A 646 14.69 28.75 -19.12
N GLU A 647 15.49 27.90 -19.78
CA GLU A 647 14.96 26.70 -20.44
C GLU A 647 14.70 25.54 -19.46
N LEU A 648 15.41 25.52 -18.33
CA LEU A 648 15.40 24.37 -17.43
C LEU A 648 14.04 24.03 -16.82
N PRO A 649 13.23 25.03 -16.45
CA PRO A 649 11.94 24.70 -15.88
C PRO A 649 11.12 23.75 -16.75
N SER A 650 11.03 24.04 -18.05
CA SER A 650 10.30 23.19 -18.98
C SER A 650 11.00 21.84 -19.21
N ILE A 651 12.34 21.82 -19.11
CA ILE A 651 13.11 20.58 -19.26
C ILE A 651 12.89 19.64 -18.07
N VAL A 652 12.87 20.19 -16.86
CA VAL A 652 12.62 19.38 -15.67
C VAL A 652 11.20 18.85 -15.67
N GLN A 653 10.25 19.70 -16.04
CA GLN A 653 8.85 19.32 -16.11
C GLN A 653 8.62 18.12 -17.03
N ASP A 654 9.23 18.17 -18.22
CA ASP A 654 9.08 17.08 -19.19
C ASP A 654 9.73 15.80 -18.69
N LEU A 655 10.89 15.93 -18.06
CA LEU A 655 11.54 14.77 -17.43
C LEU A 655 10.62 14.19 -16.39
N ALA A 656 10.19 15.03 -15.45
CA ALA A 656 9.29 14.60 -14.37
C ALA A 656 7.99 13.95 -14.87
N ASN A 657 7.45 14.45 -15.98
CA ASN A 657 6.19 13.92 -16.52
C ASN A 657 6.38 12.81 -17.56
N GLY A 658 7.63 12.37 -17.74
CA GLY A 658 7.92 11.26 -18.66
C GLY A 658 7.71 11.59 -20.12
N ASN A 659 7.63 12.87 -20.46
CA ASN A 659 7.54 13.31 -21.85
C ASN A 659 8.89 13.19 -22.56
N ILE A 660 9.96 13.21 -21.78
CA ILE A 660 11.33 13.21 -22.29
C ILE A 660 12.18 12.30 -21.40
N THR A 661 13.18 11.68 -22.01
CA THR A 661 14.18 10.86 -21.30
C THR A 661 15.40 11.69 -20.93
N TRP A 662 16.17 11.21 -19.95
CA TRP A 662 17.47 11.81 -19.68
C TRP A 662 18.34 11.74 -20.94
N ALA A 663 18.36 10.58 -21.58
CA ALA A 663 19.00 10.40 -22.88
C ALA A 663 18.60 11.50 -23.88
N ASP A 664 17.31 11.81 -23.94
CA ASP A 664 16.82 12.90 -24.80
C ASP A 664 17.52 14.21 -24.46
N VAL A 665 17.49 14.55 -23.16
CA VAL A 665 18.16 15.78 -22.69
C VAL A 665 19.61 15.81 -23.18
N GLU A 666 20.33 14.71 -23.00
CA GLU A 666 21.74 14.63 -23.38
C GLU A 666 21.96 14.80 -24.88
N ALA A 667 21.05 14.26 -25.69
CA ALA A 667 21.11 14.41 -27.14
C ALA A 667 20.90 15.87 -27.58
N ARG A 668 20.21 16.66 -26.74
CA ARG A 668 19.83 18.04 -27.09
C ARG A 668 20.69 19.12 -26.43
N TYR A 669 21.29 18.80 -25.27
CA TYR A 669 22.04 19.79 -24.49
C TYR A 669 23.45 19.33 -24.20
N PRO A 670 24.38 20.29 -24.02
CA PRO A 670 25.78 19.96 -23.79
C PRO A 670 26.03 19.29 -22.45
N LEU A 671 26.79 18.19 -22.49
CA LEU A 671 27.14 17.44 -21.29
C LEU A 671 28.08 18.27 -20.43
N PHE A 672 28.03 18.05 -19.12
CA PHE A 672 28.74 18.90 -18.16
C PHE A 672 29.18 18.09 -16.95
N GLU A 673 30.37 18.37 -16.44
CA GLU A 673 30.91 17.64 -15.30
C GLU A 673 31.37 18.58 -14.21
S SO4 B . -2.83 7.00 -16.40
O1 SO4 B . -3.80 7.31 -15.34
O2 SO4 B . -3.58 6.68 -17.63
O3 SO4 B . -1.99 8.17 -16.64
O4 SO4 B . -2.00 5.85 -16.03
S SO4 C . 28.72 28.42 -19.27
O1 SO4 C . 29.82 28.97 -20.05
O2 SO4 C . 28.61 29.18 -18.01
O3 SO4 C . 27.49 28.56 -20.06
O4 SO4 C . 29.01 27.02 -19.00
S SO4 D . 2.54 -4.49 22.96
O1 SO4 D . 1.12 -4.52 23.29
O2 SO4 D . 2.82 -5.38 21.83
O3 SO4 D . 2.95 -3.11 22.64
O4 SO4 D . 3.30 -4.96 24.10
#